data_5U82
#
_entry.id   5U82
#
_cell.length_a   38.572
_cell.length_b   88.934
_cell.length_c   54.575
_cell.angle_alpha   90.000
_cell.angle_beta   98.280
_cell.angle_gamma   90.000
#
_symmetry.space_group_name_H-M   'P 1 21 1'
#
loop_
_entity.id
_entity.type
_entity.pdbx_description
1 polymer 'Alkylmercury lyase'
2 non-polymer 'Triethyltin chloride'
3 non-polymer 'BROMIDE ION'
4 non-polymer 'ACETATE ION'
5 water water
#
_entity_poly.entity_id   1
_entity_poly.type   'polypeptide(L)'
_entity_poly.pdbx_seq_one_letter_code
;MKLAPYILELLTSVNRTNGTADLLVPLLRELAKGRPVSRTTLAGILDWPAERVAAVLEQATSTEYDKDGNIIGYGLTLRE
TSYVFEIDDRRLYAWCALDTLIFPALIGRTARVSSHCAATGAPVSLTVSPSEIQAVEPAGMAVSLVLPQEAADVRQSFCC
HVHFFASVPTAEDWASKHQGLEGLAIVSVHEAFGLGQEFNRHLLQTMSSRTP
;
_entity_poly.pdbx_strand_id   A,B
#
# COMPACT_ATOMS: atom_id res chain seq x y z
N MET A 1 -15.80 12.36 -20.24
CA MET A 1 -15.40 13.75 -19.87
C MET A 1 -14.05 14.07 -20.50
N LYS A 2 -13.64 15.33 -20.37
CA LYS A 2 -12.37 15.79 -20.93
C LYS A 2 -11.25 15.34 -20.01
N LEU A 3 -10.49 14.36 -20.47
CA LEU A 3 -9.45 13.76 -19.66
C LEU A 3 -8.07 14.33 -19.97
N ALA A 4 -7.98 15.32 -20.87
CA ALA A 4 -6.69 15.98 -21.13
C ALA A 4 -5.95 16.37 -19.85
N PRO A 5 -6.58 16.91 -18.81
CA PRO A 5 -5.82 17.27 -17.60
C PRO A 5 -5.13 16.08 -16.94
N TYR A 6 -5.72 14.88 -17.00
CA TYR A 6 -5.11 13.70 -16.40
C TYR A 6 -3.97 13.18 -17.25
N ILE A 7 -4.19 13.12 -18.57
CA ILE A 7 -3.12 12.78 -19.49
C ILE A 7 -1.93 13.70 -19.28
N LEU A 8 -2.20 15.02 -19.26
CA LEU A 8 -1.13 16.00 -19.15
C LEU A 8 -0.32 15.81 -17.86
N GLU A 9 -0.99 15.66 -16.72
CA GLU A 9 -0.25 15.58 -15.47
C GLU A 9 0.42 14.22 -15.30
N LEU A 10 -0.20 13.17 -15.82
CA LEU A 10 0.50 11.87 -15.81
C LEU A 10 1.78 11.95 -16.63
N LEU A 11 1.70 12.51 -17.85
CA LEU A 11 2.92 12.63 -18.66
C LEU A 11 3.94 13.52 -17.97
N THR A 12 3.51 14.66 -17.45
CA THR A 12 4.44 15.55 -16.78
C THR A 12 5.13 14.83 -15.63
N SER A 13 4.41 13.93 -14.97
CA SER A 13 4.97 13.20 -13.84
C SER A 13 6.12 12.29 -14.27
N VAL A 14 6.02 11.66 -15.44
CA VAL A 14 7.10 10.78 -15.88
C VAL A 14 8.15 11.53 -16.68
N ASN A 15 7.79 12.66 -17.30
CA ASN A 15 8.77 13.45 -18.06
C ASN A 15 9.49 14.46 -17.17
N ARG A 16 9.06 14.59 -15.92
CA ARG A 16 9.72 15.41 -14.91
C ARG A 16 11.21 15.08 -14.84
N THR A 17 12.01 16.12 -14.57
CA THR A 17 13.46 15.95 -14.40
C THR A 17 13.74 14.73 -13.51
N ASN A 18 14.58 13.82 -14.01
CA ASN A 18 14.85 12.55 -13.34
C ASN A 18 13.61 11.67 -13.30
N GLY A 19 12.71 11.83 -14.26
CA GLY A 19 11.52 11.00 -14.33
C GLY A 19 11.77 9.62 -14.89
N THR A 20 10.73 8.79 -14.80
CA THR A 20 10.82 7.38 -15.15
C THR A 20 10.67 7.12 -16.64
N ALA A 21 10.31 8.13 -17.44
CA ALA A 21 9.88 7.94 -18.83
C ALA A 21 10.69 6.90 -19.62
N ASP A 22 12.02 7.05 -19.65
CA ASP A 22 12.83 6.23 -20.54
C ASP A 22 13.23 4.88 -19.95
N LEU A 23 13.15 4.70 -18.65
CA LEU A 23 13.37 3.40 -18.05
C LEU A 23 12.08 2.62 -17.81
N LEU A 24 10.92 3.24 -17.95
CA LEU A 24 9.65 2.63 -17.55
C LEU A 24 9.31 1.39 -18.39
N VAL A 25 9.34 1.50 -19.70
CA VAL A 25 8.93 0.39 -20.54
C VAL A 25 9.93 -0.77 -20.40
N PRO A 26 11.26 -0.55 -20.49
CA PRO A 26 12.19 -1.68 -20.24
C PRO A 26 12.03 -2.31 -18.86
N LEU A 27 11.86 -1.52 -17.80
CA LEU A 27 11.63 -2.10 -16.47
C LEU A 27 10.35 -2.93 -16.41
N LEU A 28 9.22 -2.45 -16.98
CA LEU A 28 7.98 -3.20 -16.93
C LEU A 28 8.08 -4.54 -17.67
N ARG A 29 8.72 -4.55 -18.85
CA ARG A 29 8.90 -5.81 -19.55
C ARG A 29 9.78 -6.77 -18.75
N GLU A 30 10.73 -6.23 -17.98
CA GLU A 30 11.58 -7.10 -17.18
C GLU A 30 10.80 -7.67 -16.01
N LEU A 31 10.04 -6.83 -15.32
CA LEU A 31 9.22 -7.32 -14.21
C LEU A 31 8.15 -8.30 -14.67
N ALA A 32 7.63 -8.15 -15.90
CA ALA A 32 6.61 -9.05 -16.41
C ALA A 32 7.08 -10.50 -16.43
N LYS A 33 8.41 -10.72 -16.44
CA LYS A 33 8.96 -12.07 -16.34
C LYS A 33 8.65 -12.73 -15.00
N GLY A 34 8.31 -11.95 -13.99
CA GLY A 34 7.95 -12.54 -12.70
C GLY A 34 9.08 -12.72 -11.71
N ARG A 35 10.26 -12.18 -11.99
CA ARG A 35 11.39 -12.33 -11.10
C ARG A 35 11.90 -10.94 -10.69
N PRO A 36 12.55 -10.83 -9.54
CA PRO A 36 13.21 -9.56 -9.20
C PRO A 36 14.23 -9.14 -10.25
N VAL A 37 14.40 -7.82 -10.37
CA VAL A 37 15.25 -7.22 -11.41
C VAL A 37 16.33 -6.43 -10.71
N SER A 38 17.59 -6.77 -10.95
CA SER A 38 18.65 -6.06 -10.26
C SER A 38 18.90 -4.72 -10.95
N ARG A 39 19.31 -3.72 -10.17
CA ARG A 39 19.67 -2.42 -10.73
C ARG A 39 20.75 -2.57 -11.77
N THR A 40 21.72 -3.45 -11.52
CA THR A 40 22.83 -3.63 -12.45
C THR A 40 22.31 -4.20 -13.76
N THR A 41 21.40 -5.17 -13.67
CA THR A 41 20.81 -5.79 -14.85
C THR A 41 19.99 -4.77 -15.64
N LEU A 42 19.28 -3.91 -14.93
CA LEU A 42 18.48 -2.92 -15.63
C LEU A 42 19.39 -1.95 -16.37
N ALA A 43 20.51 -1.60 -15.76
CA ALA A 43 21.47 -0.67 -16.37
C ALA A 43 21.99 -1.19 -17.71
N GLY A 44 22.21 -2.49 -17.81
CA GLY A 44 22.74 -3.02 -19.06
C GLY A 44 21.70 -3.08 -20.15
N ILE A 45 20.45 -3.37 -19.78
CA ILE A 45 19.37 -3.37 -20.75
C ILE A 45 19.21 -1.98 -21.34
N LEU A 46 19.32 -0.95 -20.49
CA LEU A 46 19.21 0.44 -20.90
C LEU A 46 20.50 1.01 -21.47
N ASP A 47 21.65 0.38 -21.23
CA ASP A 47 22.95 1.00 -21.51
C ASP A 47 22.99 2.42 -20.94
N TRP A 48 22.66 2.51 -19.64
CA TRP A 48 22.90 3.69 -18.84
C TRP A 48 24.00 3.38 -17.81
N PRO A 49 24.85 4.34 -17.46
CA PRO A 49 25.70 4.17 -16.28
C PRO A 49 24.84 3.97 -15.03
N ALA A 50 25.43 3.32 -14.02
CA ALA A 50 24.69 2.95 -12.82
C ALA A 50 24.13 4.18 -12.12
N GLU A 51 24.87 5.27 -12.16
CA GLU A 51 24.48 6.48 -11.46
C GLU A 51 23.19 7.04 -12.05
N ARG A 52 22.98 6.91 -13.37
CA ARG A 52 21.75 7.37 -13.99
C ARG A 52 20.54 6.52 -13.56
N VAL A 53 20.67 5.19 -13.61
CA VAL A 53 19.59 4.33 -13.08
C VAL A 53 19.28 4.71 -11.63
N ALA A 54 20.32 4.95 -10.83
CA ALA A 54 20.14 5.28 -9.43
C ALA A 54 19.36 6.59 -9.26
N ALA A 55 19.70 7.61 -10.04
CA ALA A 55 19.05 8.90 -9.85
C ALA A 55 17.56 8.80 -10.16
N VAL A 56 17.22 8.16 -11.27
CA VAL A 56 15.81 7.93 -11.59
C VAL A 56 15.12 7.16 -10.48
N LEU A 57 15.70 6.03 -10.06
CA LEU A 57 15.02 5.20 -9.06
C LEU A 57 14.95 5.89 -7.70
N GLU A 58 15.99 6.64 -7.34
CA GLU A 58 15.96 7.41 -6.11
C GLU A 58 14.77 8.38 -6.09
N GLN A 59 14.49 9.04 -7.22
CA GLN A 59 13.35 9.96 -7.27
C GLN A 59 12.04 9.19 -7.17
N ALA A 60 11.99 8.00 -7.77
CA ALA A 60 10.81 7.19 -7.74
C ALA A 60 10.78 6.49 -6.39
N THR A 61 10.28 7.23 -5.38
CA THR A 61 10.49 6.80 -3.99
C THR A 61 9.63 5.61 -3.59
N SER A 62 8.60 5.28 -4.36
CA SER A 62 7.74 4.15 -4.04
C SER A 62 8.21 2.84 -4.69
N THR A 63 9.28 2.88 -5.49
CA THR A 63 9.89 1.64 -5.97
C THR A 63 10.03 0.65 -4.83
N GLU A 64 9.68 -0.60 -5.09
CA GLU A 64 9.69 -1.67 -4.10
C GLU A 64 10.87 -2.56 -4.34
N TYR A 65 11.60 -2.90 -3.28
CA TYR A 65 12.77 -3.78 -3.35
C TYR A 65 12.58 -5.00 -2.48
N ASP A 66 13.24 -6.09 -2.82
CA ASP A 66 13.20 -7.28 -1.99
C ASP A 66 14.39 -7.32 -1.03
N LYS A 67 14.56 -8.44 -0.33
CA LYS A 67 15.58 -8.59 0.71
C LYS A 67 16.99 -8.54 0.15
N ASP A 68 17.17 -8.82 -1.14
CA ASP A 68 18.48 -8.75 -1.77
C ASP A 68 18.75 -7.39 -2.41
N GLY A 69 17.85 -6.42 -2.22
CA GLY A 69 17.96 -5.15 -2.90
C GLY A 69 17.53 -5.12 -4.36
N ASN A 70 16.96 -6.20 -4.87
CA ASN A 70 16.45 -6.22 -6.25
C ASN A 70 15.10 -5.50 -6.37
N ILE A 71 14.81 -4.99 -7.58
CA ILE A 71 13.54 -4.34 -7.86
C ILE A 71 12.47 -5.42 -8.01
N ILE A 72 11.40 -5.32 -7.23
CA ILE A 72 10.23 -6.20 -7.37
C ILE A 72 8.96 -5.45 -7.70
N GLY A 73 9.01 -4.12 -7.78
CA GLY A 73 7.81 -3.36 -8.02
C GLY A 73 8.01 -1.92 -8.44
N TYR A 74 7.42 -1.56 -9.58
CA TYR A 74 7.24 -0.16 -10.00
C TYR A 74 6.05 -0.15 -10.96
N GLY A 75 4.87 0.18 -10.43
CA GLY A 75 3.60 0.05 -11.15
C GLY A 75 3.15 -1.38 -11.26
N LEU A 76 3.97 -2.19 -11.89
CA LEU A 76 3.82 -3.63 -11.92
C LEU A 76 4.67 -4.22 -10.80
N THR A 77 4.13 -5.15 -10.04
CA THR A 77 4.85 -5.53 -8.83
C THR A 77 4.60 -7.00 -8.52
N LEU A 78 5.58 -7.60 -7.84
CA LEU A 78 5.52 -8.96 -7.38
C LEU A 78 4.89 -9.05 -6.01
N ARG A 79 4.64 -7.92 -5.36
CA ARG A 79 4.10 -7.88 -4.02
C ARG A 79 2.60 -7.61 -4.08
N GLU A 80 1.85 -8.40 -3.33
CA GLU A 80 0.42 -8.44 -3.44
C GLU A 80 -0.20 -7.05 -3.25
N THR A 81 -1.16 -6.75 -4.13
CA THR A 81 -2.03 -5.59 -4.03
C THR A 81 -3.46 -6.03 -4.34
N SER A 82 -4.38 -5.07 -4.25
CA SER A 82 -5.77 -5.29 -4.65
C SER A 82 -5.98 -5.44 -6.15
N TYR A 83 -4.96 -5.28 -6.96
CA TYR A 83 -5.11 -5.31 -8.42
C TYR A 83 -4.31 -6.49 -8.94
N VAL A 84 -5.00 -7.54 -9.30
CA VAL A 84 -4.34 -8.74 -9.80
C VAL A 84 -4.16 -8.60 -11.29
N PHE A 85 -2.97 -8.98 -11.78
CA PHE A 85 -2.57 -8.78 -13.15
C PHE A 85 -1.88 -10.07 -13.61
N GLU A 86 -2.65 -10.99 -14.19
CA GLU A 86 -2.14 -12.31 -14.52
C GLU A 86 -1.74 -12.38 -16.02
N ILE A 87 -0.49 -12.75 -16.29
CA ILE A 87 0.03 -13.01 -17.64
C ILE A 87 0.48 -14.47 -17.71
N ASP A 88 0.13 -15.18 -18.77
CA ASP A 88 0.65 -16.53 -18.98
C ASP A 88 0.75 -17.29 -17.65
N ASP A 89 -0.38 -17.38 -16.96
CA ASP A 89 -0.53 -18.15 -15.73
C ASP A 89 0.42 -17.68 -14.61
N ARG A 90 1.06 -16.53 -14.77
CA ARG A 90 1.83 -15.91 -13.70
C ARG A 90 0.99 -14.80 -13.08
N ARG A 91 0.76 -14.87 -11.79
CA ARG A 91 0.02 -13.88 -11.05
C ARG A 91 0.96 -12.75 -10.64
N LEU A 92 0.80 -11.57 -11.25
CA LEU A 92 1.50 -10.36 -10.80
C LEU A 92 0.48 -9.39 -10.25
N TYR A 93 0.94 -8.20 -9.81
CA TYR A 93 0.04 -7.19 -9.29
C TYR A 93 0.36 -5.82 -9.86
N ALA A 94 -0.58 -4.89 -9.65
CA ALA A 94 -0.43 -3.51 -10.09
C ALA A 94 -0.81 -2.59 -8.96
N TRP A 95 -0.29 -1.37 -9.03
CA TRP A 95 -0.55 -0.35 -8.03
C TRP A 95 -1.92 0.29 -8.11
N CYS A 96 -2.58 0.31 -9.26
CA CYS A 96 -3.89 0.94 -9.29
C CYS A 96 -4.61 0.43 -10.52
N ALA A 97 -5.87 0.79 -10.62
CA ALA A 97 -6.72 0.29 -11.71
C ALA A 97 -6.21 0.74 -13.08
N LEU A 98 -5.84 2.02 -13.20
CA LEU A 98 -5.38 2.52 -14.49
C LEU A 98 -4.11 1.84 -14.97
N ASP A 99 -3.17 1.54 -14.05
CA ASP A 99 -1.99 0.74 -14.39
C ASP A 99 -2.34 -0.55 -15.09
N THR A 100 -3.35 -1.28 -14.60
CA THR A 100 -3.70 -2.54 -15.26
C THR A 100 -4.19 -2.33 -16.69
N LEU A 101 -4.75 -1.16 -16.98
CA LEU A 101 -5.22 -0.87 -18.35
C LEU A 101 -4.08 -0.45 -19.28
N ILE A 102 -3.02 0.15 -18.74
CA ILE A 102 -1.90 0.67 -19.52
C ILE A 102 -0.89 -0.43 -19.84
N PHE A 103 -0.59 -1.31 -18.89
CA PHE A 103 0.59 -2.16 -19.03
C PHE A 103 0.54 -3.12 -20.21
N PRO A 104 -0.59 -3.73 -20.55
CA PRO A 104 -0.60 -4.73 -21.63
C PRO A 104 0.03 -4.23 -22.93
N ALA A 105 -0.27 -2.98 -23.32
CA ALA A 105 0.26 -2.41 -24.56
C ALA A 105 1.76 -2.16 -24.47
N LEU A 106 2.26 -1.85 -23.27
CA LEU A 106 3.67 -1.56 -23.08
C LEU A 106 4.52 -2.81 -23.02
N ILE A 107 4.00 -3.88 -22.44
CA ILE A 107 4.72 -5.14 -22.35
C ILE A 107 4.33 -6.12 -23.45
N GLY A 108 3.35 -5.79 -24.29
CA GLY A 108 2.93 -6.62 -25.41
C GLY A 108 2.34 -7.94 -25.00
N ARG A 109 1.53 -7.96 -23.94
CA ARG A 109 0.88 -9.17 -23.48
C ARG A 109 -0.58 -8.87 -23.19
N THR A 110 -1.38 -9.93 -23.17
CA THR A 110 -2.75 -9.86 -22.68
C THR A 110 -2.79 -10.35 -21.24
N ALA A 111 -3.51 -9.60 -20.40
CA ALA A 111 -3.62 -9.87 -18.97
C ALA A 111 -5.07 -10.11 -18.58
N ARG A 112 -5.24 -11.06 -17.66
CA ARG A 112 -6.51 -11.28 -16.96
C ARG A 112 -6.43 -10.45 -15.69
N VAL A 113 -7.23 -9.39 -15.62
CA VAL A 113 -7.16 -8.44 -14.53
C VAL A 113 -8.34 -8.67 -13.60
N SER A 114 -8.09 -8.62 -12.30
CA SER A 114 -9.19 -8.77 -11.35
C SER A 114 -8.91 -7.93 -10.11
N SER A 115 -10.00 -7.56 -9.46
CA SER A 115 -9.89 -6.76 -8.27
C SER A 115 -11.22 -6.87 -7.54
N HIS A 116 -11.48 -5.93 -6.65
CA HIS A 116 -12.78 -5.74 -6.06
C HIS A 116 -13.16 -4.27 -6.09
N CYS A 117 -14.46 -4.05 -6.25
CA CYS A 117 -15.05 -2.71 -6.16
C CYS A 117 -14.63 -2.01 -4.88
N ALA A 118 -14.12 -0.78 -5.02
CA ALA A 118 -13.67 -0.04 -3.85
C ALA A 118 -14.85 0.43 -2.97
N ALA A 119 -16.08 0.50 -3.49
CA ALA A 119 -17.25 0.95 -2.73
C ALA A 119 -18.06 -0.19 -2.12
N THR A 120 -18.04 -1.40 -2.71
CA THR A 120 -18.98 -2.46 -2.30
C THR A 120 -18.30 -3.83 -2.09
N GLY A 121 -17.03 -3.97 -2.44
CA GLY A 121 -16.29 -5.22 -2.38
C GLY A 121 -16.65 -6.24 -3.44
N ALA A 122 -17.51 -5.90 -4.39
CA ALA A 122 -17.91 -6.88 -5.40
C ALA A 122 -16.72 -7.28 -6.26
N PRO A 123 -16.58 -8.56 -6.61
CA PRO A 123 -15.52 -8.96 -7.55
C PRO A 123 -15.71 -8.30 -8.92
N VAL A 124 -14.60 -7.87 -9.52
CA VAL A 124 -14.61 -7.31 -10.87
C VAL A 124 -13.46 -7.93 -11.65
N SER A 125 -13.67 -8.14 -12.95
CA SER A 125 -12.58 -8.68 -13.76
C SER A 125 -12.76 -8.30 -15.20
N LEU A 126 -11.66 -8.40 -15.92
CA LEU A 126 -11.70 -8.12 -17.34
C LEU A 126 -10.40 -8.60 -17.94
N THR A 127 -10.41 -8.74 -19.25
CA THR A 127 -9.23 -9.11 -20.02
C THR A 127 -8.75 -7.88 -20.77
N VAL A 128 -7.49 -7.49 -20.53
CA VAL A 128 -6.91 -6.29 -21.13
C VAL A 128 -5.80 -6.74 -22.07
N SER A 129 -5.97 -6.42 -23.34
CA SER A 129 -4.98 -6.64 -24.38
CA SER A 129 -4.98 -6.64 -24.38
C SER A 129 -4.34 -5.32 -24.77
N PRO A 130 -3.29 -5.35 -25.59
CA PRO A 130 -2.68 -4.09 -26.02
C PRO A 130 -3.66 -3.10 -26.66
N SER A 131 -4.75 -3.58 -27.28
CA SER A 131 -5.61 -2.77 -28.11
C SER A 131 -7.06 -2.68 -27.65
N GLU A 132 -7.51 -3.56 -26.75
CA GLU A 132 -8.93 -3.64 -26.42
C GLU A 132 -9.05 -4.21 -25.02
N ILE A 133 -10.20 -3.98 -24.43
CA ILE A 133 -10.64 -4.76 -23.27
C ILE A 133 -11.79 -5.67 -23.71
N GLN A 134 -11.86 -6.85 -23.08
CA GLN A 134 -12.95 -7.82 -23.28
C GLN A 134 -13.38 -8.43 -21.94
N ALA A 135 -14.50 -9.17 -21.97
CA ALA A 135 -15.04 -9.89 -20.81
C ALA A 135 -15.08 -9.00 -19.58
N VAL A 136 -15.61 -7.80 -19.77
CA VAL A 136 -15.77 -6.83 -18.69
C VAL A 136 -16.91 -7.34 -17.80
N GLU A 137 -16.57 -7.69 -16.56
CA GLU A 137 -17.53 -8.31 -15.65
C GLU A 137 -17.48 -7.67 -14.28
N PRO A 138 -18.52 -6.90 -13.92
CA PRO A 138 -19.75 -6.62 -14.64
C PRO A 138 -19.53 -5.53 -15.70
N ALA A 139 -20.43 -5.52 -16.67
CA ALA A 139 -20.23 -4.70 -17.87
C ALA A 139 -20.13 -3.20 -17.60
N GLY A 140 -20.79 -2.69 -16.56
CA GLY A 140 -20.75 -1.28 -16.26
C GLY A 140 -19.58 -0.81 -15.42
N MET A 141 -18.54 -1.62 -15.28
CA MET A 141 -17.39 -1.31 -14.45
C MET A 141 -16.91 0.13 -14.64
N ALA A 142 -16.52 0.73 -13.53
CA ALA A 142 -16.09 2.12 -13.49
C ALA A 142 -14.70 2.21 -12.86
N VAL A 143 -14.06 3.37 -13.03
CA VAL A 143 -12.75 3.66 -12.45
C VAL A 143 -12.78 5.06 -11.88
N SER A 144 -12.05 5.25 -10.79
CA SER A 144 -11.85 6.58 -10.23
C SER A 144 -10.52 7.17 -10.68
N LEU A 145 -10.53 8.46 -10.90
CA LEU A 145 -9.34 9.22 -11.26
C LEU A 145 -9.20 10.40 -10.33
N VAL A 146 -7.95 10.76 -10.05
CA VAL A 146 -7.60 12.01 -9.41
C VAL A 146 -6.51 12.69 -10.22
N LEU A 147 -6.30 13.96 -9.93
CA LEU A 147 -5.23 14.70 -10.59
C LEU A 147 -3.88 14.35 -9.95
N PRO A 148 -2.92 13.81 -10.70
CA PRO A 148 -1.56 13.66 -10.16
C PRO A 148 -1.00 15.00 -9.69
N GLN A 149 -0.20 14.94 -8.64
CA GLN A 149 0.33 16.11 -7.96
C GLN A 149 1.75 16.39 -8.40
N GLU A 150 2.12 17.66 -8.40
CA GLU A 150 3.42 18.04 -8.93
C GLU A 150 4.51 17.49 -8.03
N ALA A 151 5.41 16.72 -8.61
CA ALA A 151 6.62 16.30 -7.92
C ALA A 151 6.32 15.22 -6.90
N ALA A 152 5.09 15.15 -6.40
CA ALA A 152 4.72 14.10 -5.46
C ALA A 152 5.04 12.73 -6.07
N ASP A 153 5.27 11.74 -5.20
CA ASP A 153 5.41 10.38 -5.72
C ASP A 153 4.06 9.83 -6.14
N VAL A 154 4.08 9.10 -7.24
CA VAL A 154 2.84 8.79 -7.92
C VAL A 154 1.93 7.92 -7.06
N ARG A 155 2.49 7.08 -6.18
CA ARG A 155 1.68 6.03 -5.59
C ARG A 155 0.77 6.56 -4.49
N GLN A 156 1.23 7.52 -3.69
CA GLN A 156 0.38 8.10 -2.66
C GLN A 156 -0.48 9.25 -3.19
N SER A 157 -0.06 9.93 -4.26
CA SER A 157 -0.84 11.04 -4.76
C SER A 157 -1.89 10.58 -5.75
N PHE A 158 -1.57 9.54 -6.52
CA PHE A 158 -2.44 9.08 -7.59
C PHE A 158 -2.89 7.64 -7.40
N CYS A 159 -1.98 6.70 -7.25
CA CYS A 159 -2.34 5.29 -7.34
C CYS A 159 -3.36 4.89 -6.29
N CYS A 160 -3.11 5.25 -5.05
CA CYS A 160 -4.00 4.79 -3.99
C CYS A 160 -5.43 5.40 -4.08
N HIS A 161 -5.72 6.27 -5.05
CA HIS A 161 -7.07 6.78 -5.23
C HIS A 161 -7.71 6.36 -6.55
N VAL A 162 -7.08 5.46 -7.28
CA VAL A 162 -7.51 5.09 -8.61
C VAL A 162 -7.96 3.63 -8.56
N HIS A 163 -9.26 3.42 -8.36
CA HIS A 163 -9.85 2.14 -8.02
C HIS A 163 -10.76 1.66 -9.15
N PHE A 164 -11.05 0.36 -9.16
CA PHE A 164 -12.18 -0.18 -9.87
C PHE A 164 -13.44 -0.11 -9.00
N PHE A 165 -14.57 0.01 -9.67
CA PHE A 165 -15.93 0.03 -9.11
C PHE A 165 -16.85 -0.81 -9.99
N ALA A 166 -17.86 -1.37 -9.33
CA ALA A 166 -18.79 -2.27 -10.02
C ALA A 166 -19.62 -1.54 -11.06
N SER A 167 -19.86 -0.24 -10.87
CA SER A 167 -20.67 0.52 -11.81
C SER A 167 -20.39 2.00 -11.61
N VAL A 168 -20.76 2.78 -12.62
CA VAL A 168 -20.63 4.23 -12.56
C VAL A 168 -21.54 4.81 -11.47
N PRO A 169 -22.78 4.33 -11.30
CA PRO A 169 -23.59 4.92 -10.21
C PRO A 169 -23.09 4.56 -8.81
N THR A 170 -22.69 3.30 -8.58
CA THR A 170 -22.03 2.96 -7.32
C THR A 170 -20.83 3.85 -7.08
N ALA A 171 -19.98 4.03 -8.11
CA ALA A 171 -18.77 4.82 -7.97
C ALA A 171 -19.06 6.29 -7.69
N GLU A 172 -20.09 6.84 -8.36
CA GLU A 172 -20.45 8.24 -8.15
C GLU A 172 -20.99 8.51 -6.74
N ASP A 173 -21.73 7.55 -6.18
CA ASP A 173 -22.12 7.65 -4.77
C ASP A 173 -20.92 7.61 -3.83
N TRP A 174 -19.93 6.76 -4.14
CA TRP A 174 -18.69 6.74 -3.37
C TRP A 174 -17.95 8.06 -3.48
N ALA A 175 -17.83 8.59 -4.71
CA ALA A 175 -17.12 9.84 -4.93
C ALA A 175 -17.73 10.99 -4.13
N SER A 176 -19.05 11.01 -4.01
CA SER A 176 -19.71 12.12 -3.33
C SER A 176 -19.24 12.27 -1.89
N LYS A 177 -18.60 11.25 -1.29
CA LYS A 177 -18.07 11.35 0.07
C LYS A 177 -16.57 11.68 0.12
N HIS A 178 -15.93 11.84 -1.04
CA HIS A 178 -14.48 12.03 -1.10
C HIS A 178 -14.12 13.27 -1.91
N GLN A 179 -14.93 14.32 -1.84
CA GLN A 179 -14.66 15.53 -2.62
C GLN A 179 -13.35 16.19 -2.25
N GLY A 180 -12.68 15.77 -1.16
CA GLY A 180 -11.39 16.32 -0.79
C GLY A 180 -10.22 15.89 -1.67
N LEU A 181 -10.42 14.96 -2.58
CA LEU A 181 -9.35 14.57 -3.49
C LEU A 181 -9.30 15.52 -4.68
N GLU A 182 -8.09 15.92 -5.07
CA GLU A 182 -7.90 16.89 -6.14
C GLU A 182 -8.37 16.29 -7.46
N GLY A 183 -9.35 16.93 -8.08
CA GLY A 183 -9.80 16.51 -9.39
C GLY A 183 -10.43 15.14 -9.44
N LEU A 184 -11.15 14.76 -8.40
CA LEU A 184 -11.76 13.44 -8.38
C LEU A 184 -12.83 13.34 -9.46
N ALA A 185 -12.82 12.22 -10.18
CA ALA A 185 -13.75 11.98 -11.27
C ALA A 185 -13.96 10.48 -11.41
N ILE A 186 -15.12 10.13 -11.93
CA ILE A 186 -15.56 8.77 -12.20
C ILE A 186 -15.76 8.61 -13.69
N VAL A 187 -15.17 7.55 -14.25
CA VAL A 187 -15.29 7.21 -15.66
C VAL A 187 -15.59 5.70 -15.76
N SER A 188 -16.17 5.32 -16.89
CA SER A 188 -16.33 3.92 -17.20
C SER A 188 -14.95 3.29 -17.43
N VAL A 189 -14.87 1.96 -17.32
CA VAL A 189 -13.56 1.36 -17.53
C VAL A 189 -13.10 1.58 -18.97
N HIS A 190 -14.05 1.68 -19.90
CA HIS A 190 -13.71 1.98 -21.30
C HIS A 190 -13.06 3.34 -21.45
N GLU A 191 -13.63 4.35 -20.80
CA GLU A 191 -13.01 5.67 -20.89
C GLU A 191 -11.65 5.69 -20.25
N ALA A 192 -11.47 4.90 -19.17
CA ALA A 192 -10.18 4.82 -18.53
C ALA A 192 -9.19 4.10 -19.42
N PHE A 193 -9.67 3.10 -20.17
CA PHE A 193 -8.78 2.40 -21.07
C PHE A 193 -8.32 3.34 -22.17
N GLY A 194 -9.23 4.22 -22.65
CA GLY A 194 -8.87 5.20 -23.65
C GLY A 194 -7.84 6.20 -23.14
N LEU A 195 -7.99 6.63 -21.89
CA LEU A 195 -6.99 7.50 -21.29
C LEU A 195 -5.61 6.85 -21.28
N GLY A 196 -5.53 5.58 -20.86
CA GLY A 196 -4.26 4.87 -20.88
C GLY A 196 -3.70 4.72 -22.28
N GLN A 197 -4.57 4.61 -23.27
CA GLN A 197 -4.07 4.54 -24.65
C GLN A 197 -3.37 5.84 -25.04
N GLU A 198 -3.94 6.96 -24.62
CA GLU A 198 -3.37 8.25 -24.95
C GLU A 198 -2.06 8.47 -24.21
N PHE A 199 -2.04 8.06 -22.95
CA PHE A 199 -0.79 8.04 -22.20
C PHE A 199 0.27 7.23 -22.92
N ASN A 200 -0.06 6.00 -23.31
CA ASN A 200 0.93 5.15 -23.95
C ASN A 200 1.40 5.76 -25.27
N ARG A 201 0.50 6.41 -25.98
CA ARG A 201 0.86 6.93 -27.29
C ARG A 201 1.89 8.05 -27.16
N HIS A 202 1.62 8.99 -26.24
CA HIS A 202 2.62 10.01 -25.92
C HIS A 202 3.90 9.37 -25.40
N LEU A 203 3.78 8.38 -24.51
CA LEU A 203 4.96 7.75 -23.96
C LEU A 203 5.83 7.17 -25.07
N LEU A 204 5.27 6.31 -25.91
CA LEU A 204 6.09 5.63 -26.90
C LEU A 204 6.78 6.62 -27.84
N GLN A 205 6.09 7.70 -28.20
CA GLN A 205 6.66 8.61 -29.20
C GLN A 205 7.84 9.38 -28.60
N THR A 206 7.75 9.76 -27.33
CA THR A 206 8.82 10.46 -26.63
C THR A 206 9.94 9.53 -26.15
N MET A 207 10.07 8.37 -26.76
CA MET A 207 11.08 7.39 -26.38
C MET A 207 12.11 7.22 -27.49
N SER A 208 13.39 7.27 -27.11
CA SER A 208 14.50 6.95 -28.01
C SER A 208 14.44 5.47 -28.43
N MET B 1 -17.05 -4.35 22.13
CA MET B 1 -17.50 -5.74 21.78
C MET B 1 -16.45 -6.76 22.25
N LYS B 2 -16.68 -8.04 21.96
CA LYS B 2 -15.74 -9.08 22.33
C LYS B 2 -14.61 -9.12 21.31
N LEU B 3 -13.39 -8.81 21.78
CA LEU B 3 -12.24 -8.61 20.90
C LEU B 3 -11.20 -9.73 20.99
N ALA B 4 -11.41 -10.73 21.83
CA ALA B 4 -10.47 -11.85 21.92
C ALA B 4 -10.15 -12.48 20.58
N PRO B 5 -11.11 -12.70 19.66
CA PRO B 5 -10.71 -13.33 18.39
C PRO B 5 -9.74 -12.48 17.60
N TYR B 6 -9.82 -11.14 17.73
CA TYR B 6 -8.87 -10.27 17.03
C TYR B 6 -7.48 -10.34 17.67
N ILE B 7 -7.45 -10.28 18.99
CA ILE B 7 -6.20 -10.44 19.71
C ILE B 7 -5.58 -11.77 19.34
N LEU B 8 -6.39 -12.84 19.44
CA LEU B 8 -5.91 -14.17 19.16
C LEU B 8 -5.28 -14.26 17.78
N GLU B 9 -6.00 -13.81 16.74
CA GLU B 9 -5.44 -13.98 15.40
C GLU B 9 -4.29 -13.02 15.13
N LEU B 10 -4.29 -11.83 15.74
CA LEU B 10 -3.12 -10.97 15.59
C LEU B 10 -1.88 -11.61 16.19
N LEU B 11 -2.02 -12.22 17.36
CA LEU B 11 -0.87 -12.82 18.01
C LEU B 11 -0.39 -14.02 17.23
N THR B 12 -1.32 -14.79 16.69
CA THR B 12 -0.97 -15.98 15.92
C THR B 12 0.05 -15.65 14.84
N SER B 13 -0.20 -14.56 14.09
CA SER B 13 0.70 -14.18 13.00
C SER B 13 2.10 -13.89 13.53
N VAL B 14 2.22 -13.30 14.72
CA VAL B 14 3.55 -13.00 15.23
C VAL B 14 4.14 -14.13 16.04
N ASN B 15 3.32 -15.07 16.51
CA ASN B 15 3.79 -16.15 17.36
C ASN B 15 4.07 -17.43 16.59
N ARG B 16 3.75 -17.46 15.29
CA ARG B 16 3.96 -18.66 14.51
C ARG B 16 5.44 -18.96 14.31
N THR B 17 6.22 -17.99 13.84
CA THR B 17 7.64 -18.21 13.58
C THR B 17 8.45 -17.84 14.80
N ASN B 18 9.23 -18.79 15.30
CA ASN B 18 10.06 -18.58 16.49
C ASN B 18 11.01 -17.42 16.28
N GLY B 19 10.78 -16.32 17.00
CA GLY B 19 11.66 -15.16 16.97
C GLY B 19 10.98 -13.88 16.51
N THR B 20 9.90 -14.00 15.70
CA THR B 20 9.18 -12.84 15.20
C THR B 20 8.84 -11.86 16.32
N ALA B 21 8.25 -12.38 17.39
CA ALA B 21 8.02 -11.56 18.56
C ALA B 21 9.31 -10.92 19.03
N ASP B 22 10.37 -11.72 19.20
CA ASP B 22 11.59 -11.19 19.79
C ASP B 22 12.26 -10.16 18.89
N LEU B 23 12.13 -10.30 17.59
CA LEU B 23 12.75 -9.35 16.69
C LEU B 23 11.95 -8.05 16.55
N LEU B 24 10.63 -8.12 16.81
CA LEU B 24 9.72 -7.01 16.52
C LEU B 24 10.08 -5.75 17.31
N VAL B 25 10.23 -5.88 18.61
CA VAL B 25 10.39 -4.67 19.42
C VAL B 25 11.71 -4.00 19.06
N PRO B 26 12.85 -4.70 19.07
CA PRO B 26 14.10 -4.04 18.65
C PRO B 26 14.02 -3.45 17.25
N LEU B 27 13.31 -4.11 16.33
CA LEU B 27 13.19 -3.57 14.98
C LEU B 27 12.40 -2.27 14.99
N LEU B 28 11.27 -2.23 15.71
CA LEU B 28 10.47 -1.01 15.78
C LEU B 28 11.26 0.11 16.40
N ARG B 29 12.01 -0.21 17.45
CA ARG B 29 12.83 0.79 18.10
C ARG B 29 13.89 1.35 17.14
N GLU B 30 14.54 0.49 16.37
CA GLU B 30 15.50 0.99 15.39
C GLU B 30 14.82 1.81 14.30
N LEU B 31 13.71 1.30 13.75
CA LEU B 31 13.01 2.02 12.70
C LEU B 31 12.54 3.40 13.19
N ALA B 32 12.20 3.52 14.47
CA ALA B 32 11.75 4.81 15.00
C ALA B 32 12.83 5.89 14.92
N LYS B 33 14.09 5.50 14.73
CA LYS B 33 15.17 6.46 14.51
C LYS B 33 15.17 7.03 13.10
N GLY B 34 14.36 6.51 12.19
CA GLY B 34 14.10 7.19 10.93
C GLY B 34 15.05 6.87 9.80
N ARG B 35 15.85 5.82 9.93
CA ARG B 35 16.84 5.42 8.94
C ARG B 35 16.70 3.93 8.67
N PRO B 36 17.10 3.47 7.49
CA PRO B 36 17.06 2.02 7.20
C PRO B 36 17.84 1.23 8.24
N VAL B 37 17.44 -0.03 8.42
CA VAL B 37 17.92 -0.89 9.49
C VAL B 37 18.52 -2.13 8.83
N SER B 38 19.77 -2.38 9.07
CA SER B 38 20.42 -3.52 8.47
C SER B 38 20.18 -4.78 9.31
N ARG B 39 20.23 -5.92 8.65
CA ARG B 39 20.24 -7.19 9.34
C ARG B 39 21.41 -7.31 10.34
N THR B 40 22.61 -6.81 9.98
CA THR B 40 23.74 -6.90 10.91
C THR B 40 23.52 -6.04 12.15
N THR B 41 22.91 -4.86 12.00
CA THR B 41 22.59 -4.07 13.19
C THR B 41 21.61 -4.81 14.08
N LEU B 42 20.66 -5.48 13.47
CA LEU B 42 19.62 -6.19 14.19
C LEU B 42 20.18 -7.43 14.85
N ALA B 43 21.11 -8.10 14.16
CA ALA B 43 21.76 -9.27 14.73
C ALA B 43 22.55 -8.92 15.98
N GLY B 44 23.19 -7.74 15.98
CA GLY B 44 23.97 -7.34 17.14
C GLY B 44 23.12 -7.02 18.35
N ILE B 45 21.95 -6.40 18.12
CA ILE B 45 21.06 -6.05 19.22
C ILE B 45 20.48 -7.30 19.88
N LEU B 46 20.16 -8.29 19.08
CA LEU B 46 19.51 -9.51 19.54
C LEU B 46 20.47 -10.60 20.01
N ASP B 47 21.78 -10.38 19.85
CA ASP B 47 22.78 -11.45 19.88
C ASP B 47 22.25 -12.70 19.17
N TRP B 48 21.75 -12.50 17.93
CA TRP B 48 21.41 -13.64 17.07
C TRP B 48 22.46 -13.80 15.98
N PRO B 49 22.61 -15.01 15.46
CA PRO B 49 23.33 -15.17 14.21
C PRO B 49 22.51 -14.65 13.04
N ALA B 50 23.22 -14.30 11.97
CA ALA B 50 22.57 -13.69 10.81
C ALA B 50 21.50 -14.59 10.21
N GLU B 51 21.71 -15.90 10.25
CA GLU B 51 20.76 -16.81 9.63
C GLU B 51 19.41 -16.73 10.33
N ARG B 52 19.42 -16.62 11.66
CA ARG B 52 18.17 -16.56 12.41
C ARG B 52 17.44 -15.25 12.13
N VAL B 53 18.16 -14.12 12.12
CA VAL B 53 17.50 -12.87 11.72
C VAL B 53 16.92 -13.00 10.32
N ALA B 54 17.70 -13.59 9.41
CA ALA B 54 17.22 -13.67 8.02
C ALA B 54 15.97 -14.54 7.92
N ALA B 55 15.95 -15.66 8.66
CA ALA B 55 14.82 -16.58 8.55
C ALA B 55 13.54 -15.94 9.04
N VAL B 56 13.60 -15.26 10.18
CA VAL B 56 12.42 -14.55 10.69
C VAL B 56 11.93 -13.55 9.65
N LEU B 57 12.84 -12.78 9.05
CA LEU B 57 12.39 -11.77 8.10
C LEU B 57 11.82 -12.40 6.84
N GLU B 58 12.31 -13.56 6.44
CA GLU B 58 11.76 -14.16 5.23
C GLU B 58 10.32 -14.60 5.43
N GLN B 59 9.90 -14.83 6.67
CA GLN B 59 8.48 -15.13 6.92
C GLN B 59 7.61 -13.89 6.79
N ALA B 60 8.16 -12.72 7.09
CA ALA B 60 7.42 -11.46 7.05
C ALA B 60 7.44 -10.88 5.64
N THR B 61 6.65 -11.51 4.77
CA THR B 61 6.64 -11.22 3.34
C THR B 61 6.30 -9.76 3.04
N SER B 62 5.64 -9.06 3.95
CA SER B 62 5.29 -7.66 3.69
C SER B 62 6.42 -6.67 4.01
N THR B 63 7.51 -7.14 4.62
CA THR B 63 8.66 -6.31 4.95
C THR B 63 9.10 -5.50 3.73
N GLU B 64 9.22 -4.19 3.92
CA GLU B 64 9.68 -3.29 2.87
C GLU B 64 11.19 -3.07 2.99
N TYR B 65 11.88 -3.04 1.85
CA TYR B 65 13.33 -2.98 1.79
C TYR B 65 13.75 -1.85 0.85
N ASP B 66 15.01 -1.40 0.95
CA ASP B 66 15.55 -0.44 -0.03
C ASP B 66 16.52 -1.13 -0.98
N LYS B 67 17.18 -0.31 -1.82
CA LYS B 67 18.09 -0.85 -2.84
C LYS B 67 19.24 -1.68 -2.26
N ASP B 68 19.56 -1.53 -0.98
CA ASP B 68 20.61 -2.29 -0.34
C ASP B 68 20.11 -3.52 0.39
N GLY B 69 18.79 -3.74 0.41
CA GLY B 69 18.25 -4.84 1.18
C GLY B 69 18.18 -4.53 2.67
N ASN B 70 18.29 -3.26 3.03
CA ASN B 70 18.06 -2.83 4.38
C ASN B 70 16.57 -2.56 4.59
N ILE B 71 16.14 -2.66 5.83
CA ILE B 71 14.72 -2.66 6.17
C ILE B 71 14.31 -1.22 6.34
N ILE B 72 13.26 -0.84 5.64
CA ILE B 72 12.69 0.49 5.81
C ILE B 72 11.26 0.44 6.29
N GLY B 73 10.64 -0.73 6.35
CA GLY B 73 9.37 -0.81 6.99
C GLY B 73 8.90 -2.16 7.38
N TYR B 74 8.40 -2.23 8.63
CA TYR B 74 7.65 -3.38 9.13
C TYR B 74 6.66 -2.82 10.15
N GLY B 75 5.43 -2.61 9.71
CA GLY B 75 4.39 -1.93 10.47
C GLY B 75 4.66 -0.45 10.61
N LEU B 76 5.78 -0.13 11.21
CA LEU B 76 6.29 1.24 11.20
C LEU B 76 7.20 1.33 9.98
N THR B 77 7.06 2.40 9.21
CA THR B 77 7.80 2.47 7.95
C THR B 77 8.26 3.89 7.66
N LEU B 78 9.33 3.97 6.86
CA LEU B 78 9.82 5.24 6.34
C LEU B 78 9.16 5.60 5.02
N ARG B 79 8.41 4.68 4.42
CA ARG B 79 7.74 4.93 3.15
C ARG B 79 6.32 5.43 3.40
N GLU B 80 5.98 6.56 2.79
CA GLU B 80 4.74 7.27 3.09
C GLU B 80 3.51 6.38 2.96
N THR B 81 2.59 6.55 3.92
CA THR B 81 1.25 5.92 3.91
C THR B 81 0.21 6.94 4.37
N SER B 82 -1.06 6.49 4.49
CA SER B 82 -2.11 7.36 5.02
C SER B 82 -2.05 7.53 6.53
N TYR B 83 -1.19 6.80 7.24
CA TYR B 83 -1.11 6.86 8.70
C TYR B 83 0.20 7.55 9.09
N VAL B 84 0.10 8.85 9.44
CA VAL B 84 1.27 9.63 9.86
C VAL B 84 1.56 9.35 11.33
N PHE B 85 2.82 9.08 11.64
CA PHE B 85 3.24 8.61 12.97
C PHE B 85 4.45 9.44 13.34
N GLU B 86 4.22 10.46 14.15
CA GLU B 86 5.17 11.53 14.41
C GLU B 86 5.74 11.33 15.81
N ILE B 87 7.04 11.05 15.87
CA ILE B 87 7.77 10.88 17.12
C ILE B 87 9.00 11.75 17.08
N ASP B 88 9.30 12.42 18.18
CA ASP B 88 10.52 13.19 18.34
C ASP B 88 10.90 13.91 17.05
N ASP B 89 9.96 14.69 16.53
CA ASP B 89 10.20 15.55 15.37
C ASP B 89 10.57 14.75 14.12
N ARG B 90 10.35 13.44 14.13
CA ARG B 90 10.49 12.61 12.93
C ARG B 90 9.12 12.25 12.37
N ARG B 91 8.97 12.35 11.06
CA ARG B 91 7.71 12.05 10.40
C ARG B 91 7.77 10.64 9.79
N LEU B 92 7.28 9.68 10.54
CA LEU B 92 7.27 8.31 10.08
C LEU B 92 5.84 7.95 9.69
N TYR B 93 5.62 6.69 9.30
CA TYR B 93 4.33 6.25 8.82
C TYR B 93 4.03 4.87 9.40
N ALA B 94 2.75 4.48 9.40
CA ALA B 94 2.32 3.17 9.88
C ALA B 94 1.48 2.48 8.82
N TRP B 95 1.44 1.14 8.90
CA TRP B 95 0.64 0.40 7.92
C TRP B 95 -0.88 0.46 8.13
N CYS B 96 -1.37 0.76 9.32
CA CYS B 96 -2.81 0.82 9.54
C CYS B 96 -3.06 1.50 10.88
N ALA B 97 -4.33 1.78 11.13
CA ALA B 97 -4.75 2.51 12.32
C ALA B 97 -4.37 1.77 13.60
N LEU B 98 -4.58 0.45 13.67
CA LEU B 98 -4.29 -0.22 14.92
C LEU B 98 -2.80 -0.21 15.24
N ASP B 99 -1.96 -0.31 14.20
CA ASP B 99 -0.51 -0.20 14.36
C ASP B 99 -0.14 1.08 15.10
N THR B 100 -0.73 2.21 14.71
CA THR B 100 -0.37 3.47 15.35
C THR B 100 -0.69 3.46 16.83
N LEU B 101 -1.63 2.62 17.25
CA LEU B 101 -2.07 2.56 18.63
C LEU B 101 -1.23 1.60 19.44
N ILE B 102 -0.63 0.60 18.80
CA ILE B 102 0.20 -0.40 19.47
C ILE B 102 1.64 0.09 19.69
N PHE B 103 2.24 0.71 18.67
CA PHE B 103 3.69 0.94 18.72
C PHE B 103 4.16 1.83 19.86
N PRO B 104 3.43 2.85 20.29
CA PRO B 104 4.04 3.74 21.29
C PRO B 104 4.46 2.99 22.55
N ALA B 105 3.66 2.01 23.00
CA ALA B 105 4.01 1.28 24.22
C ALA B 105 5.19 0.36 23.98
N LEU B 106 5.34 -0.15 22.77
CA LEU B 106 6.44 -1.07 22.52
C LEU B 106 7.77 -0.35 22.35
N ILE B 107 7.78 0.86 21.78
CA ILE B 107 9.02 1.61 21.61
C ILE B 107 9.27 2.59 22.74
N GLY B 108 8.33 2.75 23.66
CA GLY B 108 8.50 3.65 24.79
C GLY B 108 8.52 5.11 24.41
N ARG B 109 7.66 5.53 23.49
CA ARG B 109 7.59 6.93 23.12
C ARG B 109 6.17 7.29 22.73
N THR B 110 5.83 8.55 22.97
CA THR B 110 4.51 9.07 22.64
C THR B 110 4.56 9.60 21.21
N ALA B 111 3.54 9.26 20.43
CA ALA B 111 3.46 9.67 19.04
C ALA B 111 2.28 10.61 18.80
N ARG B 112 2.47 11.54 17.88
CA ARG B 112 1.36 12.32 17.35
C ARG B 112 0.93 11.65 16.06
N VAL B 113 -0.30 11.16 16.04
CA VAL B 113 -0.80 10.33 14.96
C VAL B 113 -1.87 11.12 14.19
N SER B 114 -1.81 11.08 12.85
CA SER B 114 -2.83 11.71 12.02
C SER B 114 -3.10 10.93 10.73
N SER B 115 -4.30 11.12 10.23
CA SER B 115 -4.78 10.42 9.05
C SER B 115 -5.97 11.18 8.47
N HIS B 116 -6.74 10.51 7.63
CA HIS B 116 -8.02 10.99 7.17
C HIS B 116 -9.04 9.86 7.22
N CYS B 117 -10.25 10.19 7.65
CA CYS B 117 -11.39 9.30 7.60
C CYS B 117 -11.45 8.53 6.30
N ALA B 118 -11.46 7.20 6.40
CA ALA B 118 -11.56 6.39 5.20
C ALA B 118 -12.90 6.51 4.49
N ALA B 119 -13.98 6.94 5.17
CA ALA B 119 -15.31 7.04 4.54
C ALA B 119 -15.59 8.42 3.96
N THR B 120 -15.03 9.49 4.55
CA THR B 120 -15.36 10.87 4.18
C THR B 120 -14.15 11.72 3.80
N GLY B 121 -12.95 11.34 4.22
CA GLY B 121 -11.77 12.11 3.96
C GLY B 121 -11.47 13.20 4.98
N ALA B 122 -12.37 13.42 5.94
CA ALA B 122 -12.13 14.38 7.02
C ALA B 122 -10.84 14.05 7.78
N PRO B 123 -10.08 15.06 8.20
CA PRO B 123 -8.87 14.81 8.98
C PRO B 123 -9.18 14.29 10.38
N VAL B 124 -8.31 13.39 10.86
CA VAL B 124 -8.37 12.80 12.19
C VAL B 124 -6.98 12.86 12.81
N SER B 125 -6.94 13.06 14.13
CA SER B 125 -5.65 13.04 14.79
C SER B 125 -5.84 12.70 16.25
N LEU B 126 -4.76 12.18 16.82
CA LEU B 126 -4.71 11.82 18.23
C LEU B 126 -3.25 11.66 18.66
N THR B 127 -3.04 11.78 19.96
CA THR B 127 -1.77 11.50 20.59
C THR B 127 -1.84 10.15 21.27
N VAL B 128 -0.88 9.30 21.01
CA VAL B 128 -0.88 7.94 21.55
C VAL B 128 0.37 7.78 22.41
N SER B 129 0.17 7.60 23.70
CA SER B 129 1.29 7.33 24.60
C SER B 129 1.35 5.83 24.91
N PRO B 130 2.30 5.39 25.72
CA PRO B 130 2.32 3.95 26.08
C PRO B 130 1.05 3.51 26.77
N SER B 131 0.39 4.39 27.53
CA SER B 131 -0.67 3.95 28.41
C SER B 131 -2.05 4.49 28.06
N GLU B 132 -2.19 5.43 27.14
CA GLU B 132 -3.51 5.97 26.84
C GLU B 132 -3.45 6.81 25.58
N ILE B 133 -4.63 7.10 25.03
CA ILE B 133 -4.81 8.05 23.95
C ILE B 133 -5.40 9.32 24.53
N GLN B 134 -5.04 10.42 23.87
CA GLN B 134 -5.43 11.77 24.27
C GLN B 134 -5.58 12.60 23.01
N ALA B 135 -6.21 13.77 23.18
CA ALA B 135 -6.40 14.76 22.13
C ALA B 135 -7.05 14.12 20.91
N VAL B 136 -8.08 13.33 21.18
CA VAL B 136 -8.75 12.55 20.15
C VAL B 136 -9.64 13.51 19.36
N GLU B 137 -9.29 13.75 18.11
CA GLU B 137 -10.00 14.68 17.23
C GLU B 137 -10.38 14.08 15.88
N PRO B 138 -11.69 13.92 15.60
CA PRO B 138 -12.85 14.22 16.43
C PRO B 138 -12.97 13.27 17.60
N ALA B 139 -13.74 13.69 18.59
CA ALA B 139 -13.85 12.88 19.81
C ALA B 139 -14.45 11.51 19.52
N GLY B 140 -15.33 11.42 18.54
CA GLY B 140 -16.05 10.21 18.20
C GLY B 140 -15.32 9.30 17.23
N MET B 141 -14.01 9.47 17.13
CA MET B 141 -13.25 8.75 16.11
C MET B 141 -13.44 7.25 16.29
N ALA B 142 -13.44 6.52 15.18
CA ALA B 142 -13.69 5.09 15.14
C ALA B 142 -12.61 4.40 14.33
N VAL B 143 -12.55 3.08 14.48
CA VAL B 143 -11.57 2.25 13.79
C VAL B 143 -12.30 1.03 13.26
N SER B 144 -11.97 0.62 12.04
CA SER B 144 -12.45 -0.66 11.54
C SER B 144 -11.45 -1.77 11.85
N LEU B 145 -11.99 -2.94 12.14
CA LEU B 145 -11.21 -4.15 12.32
C LEU B 145 -11.73 -5.23 11.40
N VAL B 146 -10.81 -6.06 10.93
CA VAL B 146 -11.16 -7.31 10.29
C VAL B 146 -10.45 -8.44 11.03
N LEU B 147 -10.90 -9.65 10.78
CA LEU B 147 -10.17 -10.79 11.29
C LEU B 147 -8.96 -11.04 10.41
N PRO B 148 -7.74 -10.96 10.95
CA PRO B 148 -6.57 -11.33 10.13
C PRO B 148 -6.71 -12.78 9.68
N GLN B 149 -6.44 -13.00 8.39
CA GLN B 149 -6.46 -14.34 7.81
C GLN B 149 -5.09 -14.97 8.00
N GLU B 150 -5.03 -16.08 8.73
CA GLU B 150 -3.75 -16.67 9.09
C GLU B 150 -2.98 -17.01 7.84
N ALA B 151 -1.68 -16.71 7.86
CA ALA B 151 -0.71 -17.05 6.84
C ALA B 151 -0.82 -16.19 5.58
N ALA B 152 -1.80 -15.30 5.49
CA ALA B 152 -1.90 -14.39 4.37
C ALA B 152 -1.00 -13.17 4.61
N ASP B 153 -0.73 -12.44 3.53
CA ASP B 153 0.00 -11.20 3.65
C ASP B 153 -0.75 -10.28 4.63
N VAL B 154 -0.07 -9.85 5.69
CA VAL B 154 -0.79 -9.13 6.75
C VAL B 154 -1.24 -7.79 6.23
N ARG B 155 -0.54 -7.27 5.23
CA ARG B 155 -0.86 -5.93 4.77
C ARG B 155 -2.11 -5.92 3.91
N GLN B 156 -2.26 -6.94 3.05
CA GLN B 156 -3.42 -7.02 2.18
C GLN B 156 -4.60 -7.62 2.89
N SER B 157 -4.35 -8.52 3.82
CA SER B 157 -5.39 -9.24 4.53
C SER B 157 -5.99 -8.40 5.65
N PHE B 158 -5.16 -7.55 6.27
CA PHE B 158 -5.57 -6.94 7.53
C PHE B 158 -5.38 -5.43 7.45
N CYS B 159 -4.12 -5.00 7.31
CA CYS B 159 -3.76 -3.57 7.42
C CYS B 159 -4.56 -2.68 6.49
N CYS B 160 -4.77 -3.11 5.24
CA CYS B 160 -5.45 -2.24 4.31
C CYS B 160 -6.95 -2.10 4.58
N HIS B 161 -7.51 -2.81 5.56
CA HIS B 161 -8.91 -2.68 5.96
C HIS B 161 -9.09 -2.06 7.33
N VAL B 162 -8.03 -1.58 7.95
CA VAL B 162 -8.07 -1.15 9.35
C VAL B 162 -7.76 0.35 9.32
N HIS B 163 -8.82 1.13 9.31
CA HIS B 163 -8.80 2.55 9.05
C HIS B 163 -9.27 3.32 10.29
N PHE B 164 -8.94 4.61 10.32
CA PHE B 164 -9.65 5.55 11.15
C PHE B 164 -10.87 6.11 10.42
N PHE B 165 -11.90 6.45 11.20
CA PHE B 165 -13.08 7.12 10.70
C PHE B 165 -13.46 8.28 11.62
N ALA B 166 -14.13 9.28 11.03
CA ALA B 166 -14.54 10.43 11.81
C ALA B 166 -15.54 10.06 12.90
N SER B 167 -16.32 9.00 12.74
CA SER B 167 -17.28 8.68 13.78
C SER B 167 -17.74 7.24 13.64
N VAL B 168 -18.33 6.73 14.73
CA VAL B 168 -18.83 5.37 14.72
C VAL B 168 -19.95 5.22 13.69
N PRO B 169 -20.96 6.09 13.63
CA PRO B 169 -22.00 5.87 12.62
C PRO B 169 -21.49 6.06 11.20
N THR B 170 -20.59 7.01 10.96
CA THR B 170 -19.96 7.09 9.65
C THR B 170 -19.27 5.77 9.30
N ALA B 171 -18.53 5.20 10.27
CA ALA B 171 -17.85 3.92 10.05
C ALA B 171 -18.84 2.76 9.88
N GLU B 172 -19.95 2.77 10.62
CA GLU B 172 -20.89 1.67 10.46
C GLU B 172 -21.60 1.73 9.12
N ASP B 173 -21.85 2.94 8.59
CA ASP B 173 -22.38 3.05 7.24
C ASP B 173 -21.38 2.56 6.20
N TRP B 174 -20.12 2.96 6.33
CA TRP B 174 -19.07 2.42 5.47
C TRP B 174 -19.03 0.90 5.55
N ALA B 175 -19.08 0.34 6.77
CA ALA B 175 -19.02 -1.10 6.93
C ALA B 175 -20.21 -1.83 6.30
N SER B 176 -21.40 -1.21 6.26
CA SER B 176 -22.57 -1.84 5.63
C SER B 176 -22.35 -2.12 4.14
N LYS B 177 -21.46 -1.38 3.47
CA LYS B 177 -21.14 -1.64 2.08
C LYS B 177 -19.92 -2.51 1.88
N HIS B 178 -19.42 -3.17 2.93
CA HIS B 178 -18.14 -3.86 2.85
C HIS B 178 -18.21 -5.20 3.59
N GLN B 179 -19.39 -5.81 3.61
CA GLN B 179 -19.69 -6.98 4.42
C GLN B 179 -19.04 -8.26 3.92
N GLY B 180 -18.36 -8.22 2.75
CA GLY B 180 -17.57 -9.33 2.30
C GLY B 180 -16.22 -9.47 3.01
N LEU B 181 -15.88 -8.54 3.90
CA LEU B 181 -14.65 -8.64 4.70
C LEU B 181 -14.93 -9.47 5.95
N GLU B 182 -14.17 -10.53 6.13
CA GLU B 182 -14.43 -11.42 7.25
C GLU B 182 -14.18 -10.74 8.60
N GLY B 183 -15.15 -10.88 9.50
CA GLY B 183 -15.04 -10.33 10.84
C GLY B 183 -15.05 -8.84 10.90
N LEU B 184 -15.58 -8.17 9.87
CA LEU B 184 -15.56 -6.71 9.84
C LEU B 184 -16.35 -6.16 11.01
N ALA B 185 -15.75 -5.21 11.73
CA ALA B 185 -16.35 -4.68 12.94
C ALA B 185 -15.86 -3.24 13.09
N ILE B 186 -16.73 -2.37 13.60
CA ILE B 186 -16.38 -0.99 13.91
C ILE B 186 -16.32 -0.87 15.43
N VAL B 187 -15.29 -0.19 15.91
CA VAL B 187 -15.11 0.06 17.34
C VAL B 187 -14.65 1.50 17.48
N SER B 188 -14.85 2.02 18.67
CA SER B 188 -14.30 3.33 18.99
C SER B 188 -12.78 3.24 19.04
N VAL B 189 -12.12 4.38 18.84
CA VAL B 189 -10.67 4.39 18.94
C VAL B 189 -10.24 3.95 20.35
N HIS B 190 -11.03 4.27 21.38
CA HIS B 190 -10.67 3.85 22.73
CA HIS B 190 -10.71 3.84 22.74
C HIS B 190 -10.72 2.33 22.88
N GLU B 191 -11.76 1.69 22.35
CA GLU B 191 -11.79 0.23 22.32
C GLU B 191 -10.62 -0.32 21.49
N ALA B 192 -10.26 0.39 20.42
CA ALA B 192 -9.18 -0.10 19.59
C ALA B 192 -7.86 -0.03 20.34
N PHE B 193 -7.69 1.01 21.15
CA PHE B 193 -6.45 1.15 21.88
C PHE B 193 -6.32 0.06 22.94
N GLY B 194 -7.44 -0.29 23.58
CA GLY B 194 -7.42 -1.40 24.52
C GLY B 194 -7.13 -2.73 23.86
N LEU B 195 -7.66 -2.92 22.65
CA LEU B 195 -7.27 -4.12 21.92
C LEU B 195 -5.76 -4.15 21.75
N GLY B 196 -5.16 -3.01 21.41
CA GLY B 196 -3.73 -2.99 21.23
C GLY B 196 -2.99 -3.22 22.53
N GLN B 197 -3.57 -2.79 23.66
CA GLN B 197 -2.96 -3.06 24.94
C GLN B 197 -3.02 -4.55 25.27
N GLU B 198 -4.13 -5.20 24.95
CA GLU B 198 -4.19 -6.63 25.16
C GLU B 198 -3.17 -7.34 24.28
N PHE B 199 -3.05 -6.91 23.04
CA PHE B 199 -2.01 -7.47 22.15
C PHE B 199 -0.63 -7.35 22.78
N ASN B 200 -0.28 -6.19 23.27
CA ASN B 200 1.05 -5.96 23.81
C ASN B 200 1.30 -6.78 25.09
N ARG B 201 0.36 -6.75 26.04
CA ARG B 201 0.48 -7.57 27.25
C ARG B 201 0.80 -9.03 26.91
N HIS B 202 -0.01 -9.63 26.03
CA HIS B 202 0.25 -11.00 25.58
C HIS B 202 1.60 -11.13 24.88
N LEU B 203 1.91 -10.23 23.95
CA LEU B 203 3.19 -10.27 23.27
C LEU B 203 4.35 -10.31 24.27
N LEU B 204 4.30 -9.42 25.27
CA LEU B 204 5.42 -9.32 26.20
C LEU B 204 5.62 -10.61 26.99
N GLN B 205 4.53 -11.27 27.39
CA GLN B 205 4.64 -12.51 28.16
C GLN B 205 5.38 -13.61 27.41
N THR B 206 5.26 -13.64 26.08
CA THR B 206 5.79 -14.73 25.29
C THR B 206 7.14 -14.40 24.66
N MET B 207 7.73 -13.26 25.04
CA MET B 207 9.04 -12.85 24.52
C MET B 207 10.13 -13.51 25.36
N SER B 208 10.88 -14.41 24.75
CA SER B 208 12.00 -15.07 25.44
C SER B 208 13.20 -14.14 25.54
#